data_2HEM
#
_entry.id   2HEM
#
_cell.length_a   1.000
_cell.length_b   1.000
_cell.length_c   1.000
_cell.angle_alpha   90.00
_cell.angle_beta   90.00
_cell.angle_gamma   90.00
#
_symmetry.space_group_name_H-M   'P 1'
#
_entity_poly.entity_id   1
_entity_poly.type   'polyribonucleotide'
_entity_poly.pdbx_seq_one_letter_code
;GGGAAGGCGCUUCGGCGUCGGCCC
;
_entity_poly.pdbx_strand_id   A
#
loop_
_chem_comp.id
_chem_comp.type
_chem_comp.name
_chem_comp.formula
A RNA linking ADENOSINE-5'-MONOPHOSPHATE 'C10 H14 N5 O7 P'
C RNA linking CYTIDINE-5'-MONOPHOSPHATE 'C9 H14 N3 O8 P'
G RNA linking GUANOSINE-5'-MONOPHOSPHATE 'C10 H14 N5 O8 P'
U RNA linking URIDINE-5'-MONOPHOSPHATE 'C9 H13 N2 O9 P'
#